data_8QIY
#
_entry.id   8QIY
#
_cell.length_a   76.307
_cell.length_b   125.586
_cell.length_c   119.243
_cell.angle_alpha   90.00
_cell.angle_beta   90.00
_cell.angle_gamma   90.00
#
_symmetry.space_group_name_H-M   'C 2 2 21'
#
loop_
_entity.id
_entity.type
_entity.pdbx_description
1 polymer 'Phosphopantetheine adenylyltransferase'
2 non-polymer '1-(2-aminophenyl)-5-(trifluoromethyl)pyrazole-4-carboxylic acid'
3 water water
#
_entity_poly.entity_id   1
_entity_poly.type   'polypeptide(L)'
_entity_poly.pdbx_seq_one_letter_code
;SMTGAVCPGSFDPVTLGHLDVFERAAAQFDEVIVAVLINPNKAGMFTVDERIEMIRESTADLPNLRVESGQGLLVDFVRE
RGLNAIVKGLRTGTDFEYELQMAQMNKHIAGVDTFFVATAPAYSFVSSSLAKEVATYGGDVSALLPASVHQRLLGKLRGQ
AQ
;
_entity_poly.pdbx_strand_id   A,B,C
#
# COMPACT_ATOMS: atom_id res chain seq x y z
N MET A 2 2.91 -6.65 38.12
CA MET A 2 3.73 -5.54 37.67
C MET A 2 3.91 -5.59 36.15
N THR A 3 3.37 -6.63 35.50
CA THR A 3 3.46 -6.75 34.05
C THR A 3 2.51 -5.76 33.39
N GLY A 4 2.81 -5.36 32.15
CA GLY A 4 1.96 -4.40 31.47
C GLY A 4 2.25 -4.24 30.00
N ALA A 5 1.24 -3.82 29.25
CA ALA A 5 1.44 -3.59 27.83
C ALA A 5 0.66 -2.37 27.37
N VAL A 6 1.14 -1.79 26.27
CA VAL A 6 0.47 -0.66 25.62
C VAL A 6 -0.17 -1.13 24.31
N CYS A 7 -1.44 -0.77 24.10
CA CYS A 7 -2.17 -1.08 22.88
C CYS A 7 -2.35 0.22 22.09
N PRO A 8 -1.55 0.43 21.04
CA PRO A 8 -1.56 1.70 20.32
C PRO A 8 -2.44 1.70 19.09
N GLY A 9 -2.86 2.89 18.69
CA GLY A 9 -3.59 3.07 17.45
C GLY A 9 -4.11 4.48 17.35
N SER A 10 -4.67 4.79 16.19
CA SER A 10 -5.33 6.07 15.99
CA SER A 10 -5.34 6.07 15.96
C SER A 10 -6.78 6.01 16.45
N PHE A 11 -7.37 4.81 16.40
CA PHE A 11 -8.72 4.54 16.91
C PHE A 11 -9.73 5.63 16.47
N ASP A 12 -9.85 5.78 15.16
CA ASP A 12 -10.64 6.87 14.58
C ASP A 12 -11.71 6.33 13.61
N PRO A 13 -12.69 5.57 14.13
CA PRO A 13 -12.99 5.20 15.51
C PRO A 13 -12.48 3.83 15.88
N VAL A 14 -12.50 3.55 17.18
CA VAL A 14 -12.27 2.19 17.67
C VAL A 14 -13.28 1.23 17.02
N THR A 15 -12.79 0.05 16.67
CA THR A 15 -13.64 -0.99 16.11
C THR A 15 -13.80 -2.18 17.07
N LEU A 16 -14.70 -3.10 16.73
CA LEU A 16 -14.83 -4.34 17.50
C LEU A 16 -13.57 -5.18 17.43
N GLY A 17 -12.82 -5.06 16.33
CA GLY A 17 -11.55 -5.75 16.22
C GLY A 17 -10.56 -5.24 17.26
N HIS A 18 -10.49 -3.91 17.39
CA HIS A 18 -9.64 -3.31 18.43
C HIS A 18 -10.03 -3.74 19.82
N LEU A 19 -11.34 -3.70 20.10
CA LEU A 19 -11.84 -4.06 21.42
C LEU A 19 -11.47 -5.50 21.78
N ASP A 20 -11.56 -6.40 20.79
CA ASP A 20 -11.15 -7.78 20.99
C ASP A 20 -9.68 -7.85 21.44
N VAL A 21 -8.81 -7.09 20.76
CA VAL A 21 -7.42 -7.02 21.15
C VAL A 21 -7.27 -6.47 22.56
N PHE A 22 -7.97 -5.38 22.88
CA PHE A 22 -7.89 -4.84 24.25
C PHE A 22 -8.23 -5.88 25.33
N GLU A 23 -9.32 -6.62 25.09
CA GLU A 23 -9.79 -7.63 26.03
C GLU A 23 -8.76 -8.75 26.20
N ARG A 24 -8.16 -9.17 25.11
CA ARG A 24 -7.17 -10.23 25.17
C ARG A 24 -5.88 -9.75 25.86
N ALA A 25 -5.47 -8.52 25.60
CA ALA A 25 -4.33 -7.97 26.33
C ALA A 25 -4.62 -7.86 27.83
N ALA A 26 -5.82 -7.37 28.16
CA ALA A 26 -6.19 -7.14 29.56
C ALA A 26 -6.26 -8.47 30.32
N ALA A 27 -6.52 -9.55 29.58
CA ALA A 27 -6.59 -10.87 30.18
C ALA A 27 -5.21 -11.46 30.50
N GLN A 28 -4.16 -10.94 29.86
CA GLN A 28 -2.85 -11.57 29.92
C GLN A 28 -1.76 -10.73 30.58
N PHE A 29 -2.04 -9.44 30.80
CA PHE A 29 -1.09 -8.50 31.45
C PHE A 29 -1.74 -7.81 32.66
N ASP A 30 -0.95 -7.49 33.69
CA ASP A 30 -1.54 -6.90 34.89
C ASP A 30 -2.21 -5.55 34.60
N GLU A 31 -1.60 -4.74 33.74
CA GLU A 31 -2.23 -3.49 33.34
C GLU A 31 -2.10 -3.27 31.84
N VAL A 32 -3.11 -2.64 31.25
CA VAL A 32 -3.08 -2.30 29.86
C VAL A 32 -3.37 -0.82 29.69
N ILE A 33 -2.58 -0.15 28.86
CA ILE A 33 -2.85 1.24 28.50
C ILE A 33 -3.14 1.31 27.03
N VAL A 34 -4.32 1.79 26.69
CA VAL A 34 -4.66 2.05 25.28
C VAL A 34 -4.09 3.43 24.95
N ALA A 35 -3.19 3.48 23.99
CA ALA A 35 -2.53 4.74 23.60
C ALA A 35 -3.20 5.28 22.34
N VAL A 36 -3.94 6.36 22.48
CA VAL A 36 -4.56 7.01 21.34
C VAL A 36 -3.56 8.00 20.74
N LEU A 37 -2.92 7.60 19.65
CA LEU A 37 -1.85 8.35 19.05
C LEU A 37 -2.42 9.33 18.01
N ILE A 38 -2.17 10.61 18.26
CA ILE A 38 -2.72 11.72 17.49
C ILE A 38 -1.66 12.31 16.58
N ASN A 39 -2.03 12.56 15.33
CA ASN A 39 -1.16 13.28 14.42
C ASN A 39 -1.52 14.75 14.54
N PRO A 40 -0.62 15.55 15.14
CA PRO A 40 -0.94 16.95 15.38
C PRO A 40 -1.15 17.75 14.09
N ASN A 41 -0.80 17.13 12.96
CA ASN A 41 -0.91 17.79 11.66
C ASN A 41 -2.04 17.25 10.80
N LYS A 42 -2.79 16.28 11.31
CA LYS A 42 -3.91 15.73 10.57
C LYS A 42 -5.07 15.36 11.48
N ALA A 43 -6.08 16.22 11.49
CA ALA A 43 -7.30 15.89 12.21
C ALA A 43 -7.92 14.66 11.57
N GLY A 44 -8.37 13.72 12.38
CA GLY A 44 -9.14 12.62 11.84
C GLY A 44 -10.59 13.02 11.80
N MET A 45 -11.46 12.01 11.80
CA MET A 45 -12.90 12.25 11.86
C MET A 45 -13.33 12.65 13.27
N PHE A 46 -12.74 12.00 14.26
CA PHE A 46 -13.07 12.25 15.66
C PHE A 46 -11.97 12.99 16.40
N THR A 47 -12.36 13.88 17.30
CA THR A 47 -11.37 14.54 18.15
C THR A 47 -10.78 13.55 19.17
N VAL A 48 -9.66 13.91 19.78
CA VAL A 48 -9.04 13.05 20.78
CA VAL A 48 -9.03 13.07 20.77
C VAL A 48 -10.01 12.71 21.91
N ASP A 49 -10.77 13.70 22.38
CA ASP A 49 -11.72 13.46 23.46
C ASP A 49 -12.78 12.45 23.06
N GLU A 50 -13.28 12.61 21.83
CA GLU A 50 -14.28 11.69 21.30
C GLU A 50 -13.72 10.28 21.16
N ARG A 51 -12.50 10.15 20.64
CA ARG A 51 -11.92 8.81 20.51
C ARG A 51 -11.78 8.11 21.87
N ILE A 52 -11.33 8.87 22.86
CA ILE A 52 -11.12 8.33 24.20
C ILE A 52 -12.44 7.91 24.84
N GLU A 53 -13.45 8.76 24.72
CA GLU A 53 -14.78 8.43 25.23
C GLU A 53 -15.37 7.16 24.62
N MET A 54 -15.25 7.02 23.30
CA MET A 54 -15.77 5.83 22.65
C MET A 54 -15.05 4.57 23.12
N ILE A 55 -13.75 4.68 23.38
CA ILE A 55 -13.01 3.53 23.89
C ILE A 55 -13.40 3.24 25.34
N ARG A 56 -13.49 4.28 26.17
CA ARG A 56 -13.84 4.06 27.58
C ARG A 56 -15.23 3.42 27.74
N GLU A 57 -16.19 3.91 26.96
CA GLU A 57 -17.56 3.39 27.08
C GLU A 57 -17.66 1.92 26.73
N SER A 58 -16.77 1.43 25.86
CA SER A 58 -16.85 0.03 25.49
C SER A 58 -15.82 -0.86 26.20
N THR A 59 -15.08 -0.28 27.15
CA THR A 59 -14.12 -1.05 27.97
C THR A 59 -14.38 -0.95 29.46
N ALA A 60 -15.57 -0.51 29.83
CA ALA A 60 -15.92 -0.26 31.24
C ALA A 60 -15.80 -1.51 32.11
N ASP A 61 -15.86 -2.69 31.51
CA ASP A 61 -15.78 -3.96 32.24
C ASP A 61 -14.35 -4.50 32.35
N LEU A 62 -13.37 -3.73 31.90
CA LEU A 62 -11.96 -4.11 32.00
C LEU A 62 -11.27 -3.25 33.05
N PRO A 63 -11.24 -3.72 34.31
CA PRO A 63 -10.78 -2.87 35.41
C PRO A 63 -9.31 -2.51 35.34
N ASN A 64 -8.52 -3.30 34.60
CA ASN A 64 -7.09 -3.05 34.56
C ASN A 64 -6.65 -2.34 33.29
N LEU A 65 -7.60 -1.74 32.57
CA LEU A 65 -7.32 -1.00 31.35
C LEU A 65 -7.57 0.50 31.55
N ARG A 66 -6.66 1.33 31.05
CA ARG A 66 -6.86 2.77 31.03
C ARG A 66 -6.53 3.33 29.64
N VAL A 67 -7.01 4.52 29.35
CA VAL A 67 -6.88 5.12 28.02
C VAL A 67 -6.19 6.47 28.12
N GLU A 68 -5.13 6.66 27.35
CA GLU A 68 -4.41 7.95 27.35
C GLU A 68 -4.01 8.30 25.93
N SER A 69 -4.01 9.59 25.59
CA SER A 69 -3.52 9.97 24.28
C SER A 69 -2.05 10.34 24.30
N GLY A 70 -1.47 10.41 23.11
CA GLY A 70 -0.08 10.81 22.96
C GLY A 70 0.27 11.10 21.52
N GLN A 71 1.52 11.50 21.29
CA GLN A 71 2.03 11.73 19.95
C GLN A 71 3.54 11.52 19.93
N GLY A 72 4.16 11.55 18.75
CA GLY A 72 5.59 11.31 18.66
C GLY A 72 5.90 9.82 18.68
N LEU A 73 7.07 9.44 19.16
CA LEU A 73 7.49 8.04 19.18
C LEU A 73 6.70 7.22 20.20
N LEU A 74 6.05 6.18 19.71
CA LEU A 74 5.36 5.24 20.58
C LEU A 74 6.29 4.70 21.69
N VAL A 75 7.54 4.37 21.37
CA VAL A 75 8.43 3.82 22.40
C VAL A 75 8.65 4.76 23.57
N ASP A 76 8.59 6.07 23.34
CA ASP A 76 8.71 7.00 24.46
C ASP A 76 7.47 6.95 25.38
N PHE A 77 6.29 6.85 24.77
CA PHE A 77 5.06 6.69 25.53
C PHE A 77 5.14 5.46 26.38
N VAL A 78 5.65 4.37 25.80
CA VAL A 78 5.75 3.10 26.51
C VAL A 78 6.73 3.20 27.70
N ARG A 79 7.94 3.67 27.42
CA ARG A 79 8.99 3.70 28.44
C ARG A 79 8.70 4.70 29.58
N GLU A 80 8.05 5.81 29.25
CA GLU A 80 7.76 6.82 30.30
C GLU A 80 6.73 6.29 31.31
N ARG A 81 6.04 5.21 30.97
CA ARG A 81 5.11 4.58 31.89
C ARG A 81 5.75 3.36 32.57
N GLY A 82 7.05 3.20 32.34
CA GLY A 82 7.80 2.11 32.96
C GLY A 82 7.49 0.74 32.37
N LEU A 83 7.04 0.73 31.12
CA LEU A 83 6.68 -0.51 30.47
C LEU A 83 7.60 -0.79 29.33
N ASN A 84 7.49 -1.98 28.74
CA ASN A 84 8.43 -2.38 27.71
C ASN A 84 7.80 -3.25 26.64
N ALA A 85 6.47 -3.24 26.58
CA ALA A 85 5.74 -4.12 25.66
C ALA A 85 4.59 -3.39 24.97
N ILE A 86 4.43 -3.70 23.70
CA ILE A 86 3.36 -3.22 22.86
C ILE A 86 2.56 -4.43 22.42
N VAL A 87 1.23 -4.32 22.41
CA VAL A 87 0.35 -5.39 21.94
C VAL A 87 -0.52 -4.85 20.82
N LYS A 88 -0.53 -5.53 19.70
CA LYS A 88 -1.22 -5.11 18.51
C LYS A 88 -1.86 -6.29 17.81
N GLY A 89 -2.98 -6.06 17.17
CA GLY A 89 -3.62 -7.12 16.40
C GLY A 89 -3.15 -7.17 14.95
N LEU A 90 -3.23 -8.33 14.34
CA LEU A 90 -2.88 -8.52 12.92
C LEU A 90 -3.97 -9.30 12.22
N ARG A 91 -4.18 -8.98 10.96
CA ARG A 91 -5.16 -9.70 10.17
C ARG A 91 -4.51 -10.54 9.11
N THR A 92 -3.48 -10.02 8.47
CA THR A 92 -2.87 -10.70 7.33
C THR A 92 -1.36 -10.81 7.42
N GLY A 93 -0.77 -11.50 6.44
CA GLY A 93 0.67 -11.65 6.35
C GLY A 93 1.33 -10.36 5.91
N THR A 94 0.60 -9.56 5.12
CA THR A 94 1.09 -8.25 4.71
C THR A 94 1.08 -7.29 5.91
N ASP A 95 0.06 -7.42 6.76
CA ASP A 95 0.02 -6.72 8.03
C ASP A 95 1.31 -7.00 8.80
N PHE A 96 1.62 -8.30 8.91
CA PHE A 96 2.78 -8.72 9.62
C PHE A 96 4.11 -8.15 9.08
N GLU A 97 4.29 -8.14 7.77
CA GLU A 97 5.54 -7.61 7.21
C GLU A 97 5.78 -6.16 7.53
N TYR A 98 4.73 -5.37 7.46
CA TYR A 98 4.81 -3.98 7.77
C TYR A 98 5.04 -3.75 9.24
N GLU A 99 4.29 -4.44 10.08
CA GLU A 99 4.44 -4.26 11.52
C GLU A 99 5.74 -4.85 12.00
N LEU A 100 6.22 -5.90 11.34
CA LEU A 100 7.50 -6.48 11.75
C LEU A 100 8.59 -5.42 11.64
N GLN A 101 8.55 -4.65 10.55
CA GLN A 101 9.56 -3.63 10.34
C GLN A 101 9.51 -2.57 11.47
N MET A 102 8.32 -2.11 11.83
CA MET A 102 8.20 -1.14 12.92
C MET A 102 8.55 -1.76 14.28
N ALA A 103 8.14 -3.01 14.49
CA ALA A 103 8.49 -3.71 15.73
C ALA A 103 10.01 -3.89 15.88
N GLN A 104 10.68 -4.30 14.81
CA GLN A 104 12.11 -4.44 14.87
C GLN A 104 12.80 -3.09 15.06
N MET A 105 12.28 -2.04 14.44
CA MET A 105 12.82 -0.69 14.67
C MET A 105 12.64 -0.27 16.12
N ASN A 106 11.45 -0.51 16.65
CA ASN A 106 11.18 -0.11 18.04
C ASN A 106 12.03 -0.86 19.05
N LYS A 107 12.32 -2.13 18.79
CA LYS A 107 13.21 -2.89 19.65
C LYS A 107 14.64 -2.37 19.52
N HIS A 108 15.06 -2.07 18.29
CA HIS A 108 16.39 -1.53 18.06
C HIS A 108 16.64 -0.21 18.80
N ILE A 109 15.72 0.74 18.68
CA ILE A 109 16.00 2.08 19.21
C ILE A 109 15.70 2.21 20.71
N ALA A 110 14.90 1.31 21.28
CA ALA A 110 14.44 1.49 22.66
C ALA A 110 14.27 0.23 23.50
N GLY A 111 14.49 -0.94 22.90
CA GLY A 111 14.42 -2.17 23.65
C GLY A 111 12.99 -2.60 23.94
N VAL A 112 12.03 -1.93 23.33
CA VAL A 112 10.62 -2.24 23.53
C VAL A 112 10.20 -3.39 22.64
N ASP A 113 9.53 -4.39 23.22
CA ASP A 113 9.05 -5.58 22.52
CA ASP A 113 9.08 -5.53 22.43
C ASP A 113 7.64 -5.38 21.99
N THR A 114 7.28 -6.15 20.98
CA THR A 114 5.93 -6.10 20.44
C THR A 114 5.38 -7.50 20.36
N PHE A 115 4.18 -7.68 20.89
CA PHE A 115 3.44 -8.93 20.80
C PHE A 115 2.23 -8.75 19.92
N PHE A 116 2.11 -9.59 18.90
CA PHE A 116 0.96 -9.54 17.99
C PHE A 116 -0.06 -10.62 18.31
N VAL A 117 -1.34 -10.30 18.20
CA VAL A 117 -2.37 -11.33 18.30
C VAL A 117 -3.15 -11.40 16.99
N ALA A 118 -3.58 -12.60 16.61
CA ALA A 118 -4.37 -12.75 15.41
C ALA A 118 -5.78 -12.21 15.64
N THR A 119 -6.28 -11.44 14.69
CA THR A 119 -7.65 -10.97 14.74
C THR A 119 -8.64 -12.11 15.03
N ALA A 120 -9.73 -11.80 15.74
CA ALA A 120 -10.88 -12.71 15.77
C ALA A 120 -11.40 -12.86 14.35
N PRO A 121 -11.75 -14.08 13.93
CA PRO A 121 -12.18 -14.26 12.54
C PRO A 121 -13.32 -13.32 12.09
N ALA A 122 -14.27 -13.04 12.96
CA ALA A 122 -15.43 -12.22 12.60
C ALA A 122 -15.04 -10.81 12.19
N TYR A 123 -13.85 -10.37 12.59
CA TYR A 123 -13.44 -8.98 12.41
C TYR A 123 -12.31 -8.79 11.42
N SER A 124 -11.94 -9.86 10.72
CA SER A 124 -10.77 -9.81 9.87
C SER A 124 -10.91 -8.77 8.73
N PHE A 125 -12.14 -8.37 8.42
CA PHE A 125 -12.36 -7.40 7.34
C PHE A 125 -12.73 -6.01 7.81
N VAL A 126 -12.72 -5.83 9.13
CA VAL A 126 -13.11 -4.57 9.71
C VAL A 126 -11.87 -3.70 9.84
N SER A 127 -11.95 -2.47 9.34
CA SER A 127 -10.94 -1.44 9.64
C SER A 127 -11.64 -0.11 9.88
N SER A 128 -11.00 0.77 10.65
CA SER A 128 -11.55 2.10 10.86
C SER A 128 -11.80 2.80 9.52
N SER A 129 -10.83 2.72 8.62
CA SER A 129 -10.92 3.42 7.33
CA SER A 129 -10.92 3.42 7.33
C SER A 129 -12.06 2.86 6.47
N LEU A 130 -12.16 1.54 6.36
CA LEU A 130 -13.19 0.95 5.51
C LEU A 130 -14.58 1.16 6.11
N ALA A 131 -14.68 1.08 7.44
CA ALA A 131 -15.96 1.36 8.08
C ALA A 131 -16.41 2.80 7.80
N LYS A 132 -15.48 3.76 7.91
CA LYS A 132 -15.82 5.15 7.62
C LYS A 132 -16.23 5.31 6.17
N GLU A 133 -15.49 4.67 5.26
CA GLU A 133 -15.78 4.79 3.83
C GLU A 133 -17.16 4.24 3.47
N VAL A 134 -17.44 3.04 3.96
CA VAL A 134 -18.73 2.42 3.70
C VAL A 134 -19.87 3.24 4.30
N ALA A 135 -19.71 3.73 5.52
CA ALA A 135 -20.76 4.53 6.16
C ALA A 135 -20.99 5.83 5.41
N THR A 136 -19.92 6.42 4.90
CA THR A 136 -19.99 7.67 4.15
C THR A 136 -20.96 7.52 2.97
N TYR A 137 -21.01 6.33 2.40
CA TYR A 137 -21.87 6.08 1.24
C TYR A 137 -23.11 5.29 1.59
N GLY A 138 -23.45 5.25 2.88
CA GLY A 138 -24.71 4.71 3.34
C GLY A 138 -24.79 3.24 3.68
N GLY A 139 -23.66 2.55 3.66
CA GLY A 139 -23.67 1.13 4.01
C GLY A 139 -23.84 0.89 5.50
N ASP A 140 -24.46 -0.23 5.88
CA ASP A 140 -24.71 -0.53 7.29
C ASP A 140 -23.53 -1.21 7.98
N VAL A 141 -22.87 -0.47 8.88
CA VAL A 141 -21.68 -0.97 9.58
C VAL A 141 -21.90 -1.16 11.10
N SER A 142 -23.16 -1.20 11.50
CA SER A 142 -23.52 -1.31 12.91
C SER A 142 -22.91 -2.53 13.62
N ALA A 143 -22.65 -3.60 12.88
CA ALA A 143 -22.22 -4.83 13.54
C ALA A 143 -20.71 -4.92 13.66
N LEU A 144 -19.99 -3.87 13.24
CA LEU A 144 -18.54 -3.92 13.19
C LEU A 144 -17.95 -2.96 14.20
N LEU A 145 -18.83 -2.15 14.77
CA LEU A 145 -18.46 -1.08 15.68
C LEU A 145 -19.24 -1.25 16.96
N PRO A 146 -18.61 -0.94 18.10
CA PRO A 146 -19.38 -0.97 19.34
C PRO A 146 -20.51 0.04 19.33
N ALA A 147 -21.48 -0.16 20.22
CA ALA A 147 -22.58 0.77 20.36
C ALA A 147 -22.07 2.18 20.57
N SER A 148 -20.96 2.31 21.29
CA SER A 148 -20.42 3.61 21.65
C SER A 148 -20.01 4.42 20.43
N VAL A 149 -19.93 3.74 19.27
CA VAL A 149 -19.39 4.36 18.06
C VAL A 149 -20.41 4.64 16.96
N HIS A 150 -21.28 3.67 16.67
CA HIS A 150 -22.08 3.69 15.44
C HIS A 150 -22.82 4.99 15.18
N GLN A 151 -23.60 5.43 16.15
CA GLN A 151 -24.45 6.59 15.90
C GLN A 151 -23.67 7.90 15.98
N ARG A 152 -22.58 7.91 16.74
CA ARG A 152 -21.66 9.05 16.72
C ARG A 152 -21.08 9.22 15.32
N LEU A 153 -20.73 8.10 14.72
CA LEU A 153 -20.24 8.09 13.36
C LEU A 153 -21.28 8.63 12.39
N LEU A 154 -22.51 8.15 12.50
CA LEU A 154 -23.57 8.64 11.61
C LEU A 154 -23.78 10.14 11.79
N GLY A 155 -23.70 10.61 13.04
CA GLY A 155 -23.76 12.03 13.34
C GLY A 155 -22.66 12.85 12.70
N LYS A 156 -21.42 12.36 12.77
CA LYS A 156 -20.31 13.03 12.09
C LYS A 156 -20.58 13.17 10.61
N LEU A 157 -21.16 12.13 10.01
CA LEU A 157 -21.33 12.10 8.57
C LEU A 157 -22.46 13.04 8.15
N ARG A 158 -23.43 13.25 9.04
CA ARG A 158 -24.53 14.14 8.71
C ARG A 158 -24.30 15.57 9.20
N MET B 2 -32.40 -16.04 -14.73
CA MET B 2 -31.24 -15.44 -15.37
C MET B 2 -30.16 -15.06 -14.35
N THR B 3 -28.92 -15.46 -14.64
CA THR B 3 -27.78 -15.18 -13.79
C THR B 3 -27.12 -13.89 -14.23
N GLY B 4 -26.29 -13.31 -13.38
CA GLY B 4 -25.60 -12.09 -13.77
C GLY B 4 -24.57 -11.58 -12.79
N ALA B 5 -23.67 -10.74 -13.29
CA ALA B 5 -22.62 -10.18 -12.44
C ALA B 5 -22.24 -8.80 -12.90
N VAL B 6 -21.67 -8.03 -11.98
CA VAL B 6 -21.15 -6.72 -12.28
C VAL B 6 -19.62 -6.74 -12.24
N CYS B 7 -19.00 -6.14 -13.25
CA CYS B 7 -17.54 -6.01 -13.29
CA CYS B 7 -17.55 -6.02 -13.25
C CYS B 7 -17.15 -4.56 -13.05
N PRO B 8 -16.72 -4.21 -11.83
CA PRO B 8 -16.46 -2.82 -11.48
C PRO B 8 -15.02 -2.40 -11.70
N GLY B 9 -14.82 -1.11 -11.95
CA GLY B 9 -13.47 -0.58 -12.03
C GLY B 9 -13.45 0.86 -12.50
N SER B 10 -12.29 1.50 -12.44
CA SER B 10 -12.15 2.84 -13.03
C SER B 10 -11.86 2.75 -14.53
N PHE B 11 -11.15 1.71 -14.96
CA PHE B 11 -10.87 1.45 -16.38
C PHE B 11 -10.36 2.71 -17.12
N ASP B 12 -9.25 3.25 -16.63
CA ASP B 12 -8.73 4.54 -17.08
C ASP B 12 -7.29 4.43 -17.59
N PRO B 13 -7.07 3.78 -18.74
CA PRO B 13 -8.04 3.14 -19.64
C PRO B 13 -8.20 1.63 -19.41
N VAL B 14 -9.23 1.06 -20.04
CA VAL B 14 -9.39 -0.38 -20.05
C VAL B 14 -8.14 -1.03 -20.66
N THR B 15 -7.68 -2.14 -20.07
CA THR B 15 -6.52 -2.87 -20.58
C THR B 15 -6.92 -4.23 -21.13
N LEU B 16 -5.98 -4.93 -21.75
CA LEU B 16 -6.28 -6.28 -22.25
C LEU B 16 -6.55 -7.25 -21.09
N GLY B 17 -6.01 -6.92 -19.91
CA GLY B 17 -6.32 -7.69 -18.72
C GLY B 17 -7.77 -7.57 -18.32
N HIS B 18 -8.28 -6.34 -18.27
CA HIS B 18 -9.69 -6.13 -18.01
C HIS B 18 -10.56 -6.86 -19.03
N LEU B 19 -10.21 -6.72 -20.29
CA LEU B 19 -11.01 -7.29 -21.38
C LEU B 19 -11.09 -8.82 -21.23
N ASP B 20 -9.97 -9.43 -20.85
CA ASP B 20 -9.94 -10.87 -20.62
C ASP B 20 -10.94 -11.22 -19.51
N VAL B 21 -10.94 -10.46 -18.42
CA VAL B 21 -11.94 -10.66 -17.39
C VAL B 21 -13.38 -10.50 -17.90
N PHE B 22 -13.63 -9.44 -18.67
CA PHE B 22 -14.97 -9.23 -19.22
C PHE B 22 -15.45 -10.43 -20.04
N GLU B 23 -14.56 -10.96 -20.86
CA GLU B 23 -14.92 -12.06 -21.76
C GLU B 23 -15.22 -13.29 -20.95
N ARG B 24 -14.39 -13.54 -19.94
CA ARG B 24 -14.59 -14.74 -19.16
C ARG B 24 -15.86 -14.63 -18.32
N ALA B 25 -16.20 -13.44 -17.85
CA ALA B 25 -17.47 -13.28 -17.15
C ALA B 25 -18.67 -13.45 -18.10
N ALA B 26 -18.56 -12.89 -19.30
CA ALA B 26 -19.69 -12.92 -20.21
C ALA B 26 -19.93 -14.35 -20.70
N ALA B 27 -18.87 -15.17 -20.66
CA ALA B 27 -18.99 -16.58 -21.03
C ALA B 27 -19.72 -17.42 -19.98
N GLN B 28 -19.80 -16.95 -18.74
CA GLN B 28 -20.33 -17.76 -17.63
C GLN B 28 -21.60 -17.26 -16.94
N PHE B 29 -21.96 -16.01 -17.21
CA PHE B 29 -23.18 -15.39 -16.64
C PHE B 29 -24.10 -14.96 -17.77
N ASP B 30 -25.42 -15.01 -17.56
CA ASP B 30 -26.34 -14.64 -18.64
C ASP B 30 -26.20 -13.16 -18.98
N GLU B 31 -25.98 -12.32 -17.96
CA GLU B 31 -25.68 -10.91 -18.24
C GLU B 31 -24.51 -10.41 -17.39
N VAL B 32 -23.77 -9.49 -17.99
CA VAL B 32 -22.68 -8.82 -17.31
C VAL B 32 -22.84 -7.33 -17.48
N ILE B 33 -22.69 -6.58 -16.39
CA ILE B 33 -22.66 -5.12 -16.47
C ILE B 33 -21.29 -4.66 -16.04
N VAL B 34 -20.61 -3.94 -16.93
CA VAL B 34 -19.35 -3.31 -16.56
C VAL B 34 -19.71 -1.96 -15.95
N ALA B 35 -19.31 -1.75 -14.68
CA ALA B 35 -19.58 -0.52 -13.99
C ALA B 35 -18.33 0.36 -13.97
N VAL B 36 -18.37 1.47 -14.72
CA VAL B 36 -17.25 2.40 -14.80
C VAL B 36 -17.41 3.41 -13.68
N LEU B 37 -16.56 3.32 -12.67
CA LEU B 37 -16.80 4.03 -11.42
C LEU B 37 -16.27 5.43 -11.51
N ILE B 38 -17.17 6.38 -11.38
CA ILE B 38 -16.81 7.81 -11.38
C ILE B 38 -16.38 8.25 -9.98
N ASN B 39 -15.23 8.89 -9.90
CA ASN B 39 -14.74 9.37 -8.63
C ASN B 39 -14.56 10.87 -8.75
N PRO B 40 -15.19 11.63 -7.86
CA PRO B 40 -15.06 13.09 -7.89
C PRO B 40 -13.67 13.52 -7.41
N ASN B 41 -13.03 12.68 -6.60
CA ASN B 41 -11.71 13.00 -6.11
C ASN B 41 -10.79 12.94 -7.32
N LYS B 42 -10.23 11.76 -7.63
CA LYS B 42 -9.35 11.60 -8.80
C LYS B 42 -10.13 11.68 -10.11
N ALA B 43 -9.71 12.55 -11.01
CA ALA B 43 -10.46 12.73 -12.25
C ALA B 43 -9.89 11.93 -13.42
N GLY B 44 -8.65 11.45 -13.26
CA GLY B 44 -8.04 10.55 -14.22
C GLY B 44 -7.73 11.15 -15.59
N MET B 45 -7.26 10.29 -16.49
CA MET B 45 -6.85 10.71 -17.81
C MET B 45 -8.04 10.85 -18.77
N PHE B 46 -8.93 9.86 -18.73
CA PHE B 46 -10.09 9.83 -19.62
C PHE B 46 -11.39 10.15 -18.89
N THR B 47 -12.30 10.86 -19.55
CA THR B 47 -13.61 11.11 -18.96
C THR B 47 -14.39 9.79 -18.88
N VAL B 48 -15.43 9.77 -18.06
CA VAL B 48 -16.24 8.55 -17.93
C VAL B 48 -16.80 8.14 -19.27
N ASP B 49 -17.21 9.10 -20.09
CA ASP B 49 -17.80 8.77 -21.38
C ASP B 49 -16.75 8.19 -22.32
N GLU B 50 -15.54 8.73 -22.28
CA GLU B 50 -14.47 8.19 -23.08
C GLU B 50 -14.16 6.76 -22.67
N ARG B 51 -14.11 6.52 -21.35
CA ARG B 51 -13.87 5.16 -20.84
C ARG B 51 -14.94 4.18 -21.27
N ILE B 52 -16.20 4.60 -21.21
CA ILE B 52 -17.32 3.76 -21.65
C ILE B 52 -17.21 3.42 -23.13
N GLU B 53 -16.90 4.43 -23.94
CA GLU B 53 -16.78 4.22 -25.38
C GLU B 53 -15.65 3.25 -25.70
N MET B 54 -14.53 3.41 -25.01
CA MET B 54 -13.41 2.50 -25.23
C MET B 54 -13.78 1.06 -24.86
N ILE B 55 -14.53 0.90 -23.78
CA ILE B 55 -14.92 -0.46 -23.39
C ILE B 55 -15.93 -1.06 -24.38
N ARG B 56 -16.91 -0.26 -24.81
CA ARG B 56 -17.89 -0.72 -25.79
C ARG B 56 -17.24 -1.16 -27.09
N GLU B 57 -16.28 -0.39 -27.56
CA GLU B 57 -15.55 -0.81 -28.76
C GLU B 57 -14.87 -2.15 -28.56
N SER B 58 -14.23 -2.35 -27.42
CA SER B 58 -13.46 -3.56 -27.22
C SER B 58 -14.34 -4.76 -26.91
N THR B 59 -15.59 -4.54 -26.52
CA THR B 59 -16.50 -5.62 -26.14
C THR B 59 -17.65 -5.76 -27.14
N ALA B 60 -17.45 -5.26 -28.34
CA ALA B 60 -18.52 -5.27 -29.34
C ALA B 60 -19.05 -6.68 -29.65
N ASP B 61 -18.24 -7.72 -29.44
CA ASP B 61 -18.72 -9.06 -29.73
C ASP B 61 -19.27 -9.80 -28.50
N LEU B 62 -19.52 -9.06 -27.43
CA LEU B 62 -20.14 -9.66 -26.25
C LEU B 62 -21.56 -9.13 -26.09
N PRO B 63 -22.56 -9.81 -26.68
CA PRO B 63 -23.91 -9.23 -26.70
C PRO B 63 -24.60 -9.19 -25.33
N ASN B 64 -24.16 -10.02 -24.40
CA ASN B 64 -24.78 -10.08 -23.08
C ASN B 64 -24.04 -9.23 -22.03
N LEU B 65 -23.11 -8.40 -22.50
CA LEU B 65 -22.40 -7.44 -21.64
C LEU B 65 -22.79 -6.02 -22.03
N ARG B 66 -23.13 -5.22 -21.02
CA ARG B 66 -23.43 -3.79 -21.20
C ARG B 66 -22.50 -2.96 -20.32
N VAL B 67 -22.33 -1.69 -20.68
CA VAL B 67 -21.42 -0.80 -19.97
C VAL B 67 -22.19 0.41 -19.45
N GLU B 68 -22.04 0.72 -18.16
CA GLU B 68 -22.67 1.90 -17.54
C GLU B 68 -21.73 2.62 -16.60
N SER B 69 -21.98 3.90 -16.35
CA SER B 69 -21.29 4.60 -15.28
C SER B 69 -21.95 4.30 -13.94
N GLY B 70 -21.17 4.36 -12.88
CA GLY B 70 -21.69 4.13 -11.55
C GLY B 70 -21.02 5.09 -10.58
N GLN B 71 -21.71 5.36 -9.48
CA GLN B 71 -21.17 6.26 -8.47
C GLN B 71 -21.66 5.80 -7.10
N GLY B 72 -20.85 6.04 -6.09
CA GLY B 72 -21.22 5.70 -4.73
C GLY B 72 -20.99 4.23 -4.42
N LEU B 73 -21.80 3.72 -3.50
CA LEU B 73 -21.61 2.39 -2.95
C LEU B 73 -21.86 1.31 -4.01
N LEU B 74 -20.86 0.48 -4.28
CA LEU B 74 -20.98 -0.51 -5.35
C LEU B 74 -22.14 -1.49 -5.13
N VAL B 75 -22.33 -1.98 -3.90
CA VAL B 75 -23.38 -2.97 -3.66
C VAL B 75 -24.77 -2.38 -3.93
N ASP B 76 -24.92 -1.07 -3.81
CA ASP B 76 -26.19 -0.45 -4.23
C ASP B 76 -26.35 -0.55 -5.74
N PHE B 77 -25.30 -0.21 -6.48
CA PHE B 77 -25.30 -0.34 -7.95
C PHE B 77 -25.70 -1.74 -8.37
N VAL B 78 -25.10 -2.74 -7.75
CA VAL B 78 -25.38 -4.13 -8.05
C VAL B 78 -26.85 -4.49 -7.76
N ARG B 79 -27.32 -4.17 -6.56
CA ARG B 79 -28.66 -4.60 -6.16
C ARG B 79 -29.76 -3.83 -6.90
N GLU B 80 -29.49 -2.58 -7.25
CA GLU B 80 -30.46 -1.76 -8.00
C GLU B 80 -30.77 -2.37 -9.36
N ARG B 81 -29.88 -3.22 -9.84
CA ARG B 81 -30.04 -3.83 -11.16
C ARG B 81 -30.44 -5.30 -11.07
N GLY B 82 -30.89 -5.72 -9.89
CA GLY B 82 -31.44 -7.06 -9.72
C GLY B 82 -30.37 -8.14 -9.63
N LEU B 83 -29.13 -7.73 -9.37
CA LEU B 83 -28.02 -8.69 -9.35
C LEU B 83 -27.47 -8.78 -7.93
N ASN B 84 -26.63 -9.79 -7.67
CA ASN B 84 -25.95 -9.80 -6.36
CA ASN B 84 -26.08 -10.05 -6.36
C ASN B 84 -24.63 -10.55 -6.42
N ALA B 85 -23.95 -10.31 -7.54
CA ALA B 85 -22.59 -10.81 -7.74
C ALA B 85 -21.72 -9.77 -8.43
N ILE B 86 -20.47 -9.76 -8.01
CA ILE B 86 -19.42 -8.94 -8.56
C ILE B 86 -18.34 -9.91 -9.11
N VAL B 87 -17.76 -9.60 -10.25
CA VAL B 87 -16.69 -10.38 -10.83
C VAL B 87 -15.50 -9.45 -11.05
N LYS B 88 -14.35 -9.87 -10.57
CA LYS B 88 -13.15 -9.10 -10.61
C LYS B 88 -11.91 -9.96 -10.90
N GLY B 89 -10.92 -9.40 -11.56
CA GLY B 89 -9.70 -10.13 -11.79
C GLY B 89 -8.69 -9.89 -10.69
N LEU B 90 -7.86 -10.87 -10.45
CA LEU B 90 -6.76 -10.75 -9.50
C LEU B 90 -5.43 -11.10 -10.16
N ARG B 91 -4.39 -10.31 -9.94
CA ARG B 91 -3.04 -10.58 -10.47
C ARG B 91 -2.08 -10.52 -9.31
N THR B 92 -2.06 -11.56 -8.51
CA THR B 92 -1.22 -11.75 -7.28
C THR B 92 -1.95 -11.91 -5.94
N GLY B 93 -1.28 -12.56 -5.00
CA GLY B 93 -1.79 -12.81 -3.68
C GLY B 93 -2.05 -11.57 -2.83
N THR B 94 -1.23 -10.56 -3.02
CA THR B 94 -1.43 -9.34 -2.25
C THR B 94 -2.65 -8.58 -2.76
N ASP B 95 -3.01 -8.81 -4.02
CA ASP B 95 -4.24 -8.24 -4.58
C ASP B 95 -5.39 -8.94 -3.85
N PHE B 96 -5.29 -10.25 -3.70
CA PHE B 96 -6.32 -11.01 -3.06
C PHE B 96 -6.64 -10.51 -1.62
N GLU B 97 -5.61 -10.27 -0.83
CA GLU B 97 -5.80 -9.82 0.56
C GLU B 97 -6.63 -8.55 0.71
N TYR B 98 -6.31 -7.58 -0.10
CA TYR B 98 -7.04 -6.33 -0.10
C TYR B 98 -8.45 -6.52 -0.61
N GLU B 99 -8.56 -7.15 -1.76
CA GLU B 99 -9.88 -7.41 -2.31
C GLU B 99 -10.70 -8.30 -1.38
N LEU B 100 -10.04 -9.16 -0.60
CA LEU B 100 -10.78 -10.07 0.27
C LEU B 100 -11.57 -9.30 1.32
N GLN B 101 -10.94 -8.29 1.90
CA GLN B 101 -11.61 -7.51 2.93
C GLN B 101 -12.80 -6.75 2.33
N MET B 102 -12.61 -6.18 1.15
CA MET B 102 -13.74 -5.53 0.47
C MET B 102 -14.85 -6.53 0.12
N ALA B 103 -14.48 -7.72 -0.33
CA ALA B 103 -15.50 -8.72 -0.65
C ALA B 103 -16.27 -9.17 0.60
N GLN B 104 -15.55 -9.38 1.71
CA GLN B 104 -16.24 -9.78 2.93
C GLN B 104 -17.12 -8.64 3.44
N MET B 105 -16.64 -7.41 3.29
CA MET B 105 -17.45 -6.26 3.69
C MET B 105 -18.71 -6.15 2.85
N ASN B 106 -18.58 -6.30 1.52
CA ASN B 106 -19.73 -6.20 0.63
C ASN B 106 -20.74 -7.31 0.86
N LYS B 107 -20.26 -8.50 1.20
CA LYS B 107 -21.16 -9.60 1.51
C LYS B 107 -21.90 -9.33 2.83
N HIS B 108 -21.18 -8.78 3.79
CA HIS B 108 -21.75 -8.46 5.09
C HIS B 108 -22.83 -7.40 5.00
N ILE B 109 -22.53 -6.30 4.32
CA ILE B 109 -23.47 -5.17 4.32
C ILE B 109 -24.64 -5.33 3.35
N ALA B 110 -24.54 -6.19 2.34
CA ALA B 110 -25.59 -6.24 1.33
C ALA B 110 -25.88 -7.62 0.76
N GLY B 111 -25.16 -8.63 1.22
CA GLY B 111 -25.42 -9.99 0.75
C GLY B 111 -24.95 -10.24 -0.68
N VAL B 112 -24.09 -9.35 -1.17
CA VAL B 112 -23.56 -9.44 -2.52
C VAL B 112 -22.25 -10.23 -2.51
N ASP B 113 -22.18 -11.23 -3.38
CA ASP B 113 -21.04 -12.12 -3.52
C ASP B 113 -19.99 -11.55 -4.47
N THR B 114 -18.73 -11.97 -4.31
CA THR B 114 -17.67 -11.60 -5.25
C THR B 114 -16.96 -12.85 -5.76
N PHE B 115 -16.86 -12.96 -7.08
CA PHE B 115 -16.12 -14.02 -7.74
C PHE B 115 -14.87 -13.46 -8.39
N PHE B 116 -13.72 -14.01 -8.05
CA PHE B 116 -12.44 -13.55 -8.58
C PHE B 116 -11.92 -14.51 -9.64
N VAL B 117 -11.33 -13.96 -10.69
CA VAL B 117 -10.68 -14.78 -11.69
C VAL B 117 -9.21 -14.43 -11.80
N ALA B 118 -8.35 -15.45 -11.96
CA ALA B 118 -6.93 -15.19 -12.13
C ALA B 118 -6.65 -14.60 -13.49
N THR B 119 -5.82 -13.57 -13.48
CA THR B 119 -5.32 -12.92 -14.68
C THR B 119 -4.79 -13.93 -15.71
N ALA B 120 -4.95 -13.63 -17.00
CA ALA B 120 -4.21 -14.35 -18.02
C ALA B 120 -2.73 -14.10 -17.75
N PRO B 121 -1.89 -15.13 -17.88
CA PRO B 121 -0.46 -14.93 -17.57
C PRO B 121 0.19 -13.75 -18.30
N ALA B 122 -0.19 -13.51 -19.56
CA ALA B 122 0.43 -12.46 -20.35
C ALA B 122 0.21 -11.07 -19.78
N TYR B 123 -0.84 -10.89 -18.97
CA TYR B 123 -1.20 -9.54 -18.48
C TYR B 123 -0.99 -9.36 -16.99
N SER B 124 -0.21 -10.25 -16.39
CA SER B 124 -0.02 -10.22 -14.96
C SER B 124 0.65 -8.91 -14.50
N PHE B 125 1.41 -8.27 -15.39
CA PHE B 125 2.14 -7.07 -15.03
C PHE B 125 1.47 -5.79 -15.51
N VAL B 126 0.38 -5.91 -16.23
CA VAL B 126 -0.22 -4.71 -16.80
C VAL B 126 -1.23 -4.10 -15.82
N SER B 127 -1.17 -2.77 -15.70
CA SER B 127 -2.19 -2.02 -15.00
C SER B 127 -2.44 -0.74 -15.78
N SER B 128 -3.58 -0.12 -15.54
CA SER B 128 -3.88 1.16 -16.18
C SER B 128 -2.83 2.19 -15.80
N SER B 129 -2.50 2.24 -14.52
CA SER B 129 -1.58 3.26 -14.02
CA SER B 129 -1.57 3.25 -14.01
C SER B 129 -0.18 3.07 -14.59
N LEU B 130 0.33 1.84 -14.57
CA LEU B 130 1.66 1.61 -15.09
C LEU B 130 1.69 1.81 -16.62
N ALA B 131 0.63 1.39 -17.31
CA ALA B 131 0.58 1.65 -18.75
C ALA B 131 0.62 3.16 -19.07
N LYS B 132 -0.13 3.95 -18.31
CA LYS B 132 -0.16 5.41 -18.55
C LYS B 132 1.21 6.01 -18.26
N GLU B 133 1.80 5.60 -17.14
CA GLU B 133 3.11 6.10 -16.73
C GLU B 133 4.15 5.83 -17.81
N VAL B 134 4.21 4.58 -18.25
CA VAL B 134 5.16 4.18 -19.27
C VAL B 134 4.95 4.97 -20.57
N ALA B 135 3.70 5.03 -21.03
CA ALA B 135 3.38 5.71 -22.28
C ALA B 135 3.73 7.20 -22.21
N THR B 136 3.61 7.79 -21.03
CA THR B 136 3.90 9.21 -20.85
C THR B 136 5.35 9.55 -21.21
N TYR B 137 6.23 8.57 -21.09
CA TYR B 137 7.65 8.78 -21.37
C TYR B 137 8.12 8.07 -22.63
N GLY B 138 7.18 7.72 -23.50
CA GLY B 138 7.53 7.19 -24.80
C GLY B 138 7.66 5.69 -24.86
N GLY B 139 7.41 5.02 -23.74
CA GLY B 139 7.39 3.57 -23.73
C GLY B 139 6.23 3.05 -24.56
N ASP B 140 6.42 1.91 -25.20
CA ASP B 140 5.41 1.32 -26.09
C ASP B 140 4.56 0.26 -25.38
N VAL B 141 3.31 0.62 -25.09
CA VAL B 141 2.39 -0.27 -24.39
C VAL B 141 1.28 -0.76 -25.30
N SER B 142 1.52 -0.70 -26.60
CA SER B 142 0.50 -1.10 -27.57
C SER B 142 0.07 -2.57 -27.45
N ALA B 143 0.97 -3.42 -26.96
CA ALA B 143 0.66 -4.84 -26.83
C ALA B 143 -0.17 -5.15 -25.59
N LEU B 144 -0.41 -4.14 -24.76
CA LEU B 144 -1.05 -4.33 -23.45
C LEU B 144 -2.44 -3.74 -23.41
N LEU B 145 -2.78 -2.97 -24.44
CA LEU B 145 -4.06 -2.27 -24.49
C LEU B 145 -4.82 -2.66 -25.74
N PRO B 146 -6.16 -2.62 -25.67
CA PRO B 146 -6.92 -2.85 -26.89
C PRO B 146 -6.59 -1.80 -27.95
N ALA B 147 -6.77 -2.14 -29.22
CA ALA B 147 -6.47 -1.24 -30.33
C ALA B 147 -7.18 0.10 -30.14
N SER B 148 -8.42 0.05 -29.65
CA SER B 148 -9.22 1.26 -29.49
C SER B 148 -8.56 2.24 -28.54
N VAL B 149 -8.02 1.71 -27.45
CA VAL B 149 -7.39 2.54 -26.44
C VAL B 149 -6.08 3.18 -26.89
N HIS B 150 -5.21 2.41 -27.54
CA HIS B 150 -3.85 2.87 -27.80
C HIS B 150 -3.82 4.18 -28.59
N GLN B 151 -4.59 4.23 -29.68
CA GLN B 151 -4.67 5.45 -30.50
C GLN B 151 -5.19 6.64 -29.69
N ARG B 152 -6.23 6.42 -28.91
CA ARG B 152 -6.80 7.48 -28.07
C ARG B 152 -5.80 7.95 -27.00
N LEU B 153 -4.98 7.02 -26.54
CA LEU B 153 -3.97 7.30 -25.53
C LEU B 153 -2.86 8.19 -26.08
N LEU B 154 -2.45 7.92 -27.29
CA LEU B 154 -1.43 8.71 -27.94
C LEU B 154 -1.93 10.10 -28.07
N GLY B 155 -3.20 10.23 -28.39
CA GLY B 155 -3.79 11.53 -28.53
C GLY B 155 -3.82 12.35 -27.29
N LYS B 156 -4.13 11.74 -26.16
CA LYS B 156 -4.19 12.47 -24.91
C LYS B 156 -2.84 12.93 -24.48
N LEU B 157 -1.85 12.18 -24.87
CA LEU B 157 -0.50 12.50 -24.48
C LEU B 157 0.09 13.65 -25.26
N ARG B 158 -0.43 13.89 -26.46
CA ARG B 158 0.09 14.96 -27.31
C ARG B 158 -0.28 16.34 -26.78
N MET C 2 32.02 -7.50 -21.10
CA MET C 2 31.81 -6.23 -20.40
C MET C 2 30.44 -6.17 -19.72
N THR C 3 30.34 -6.77 -18.53
CA THR C 3 29.07 -6.86 -17.82
C THR C 3 28.77 -5.61 -17.00
N GLY C 4 27.50 -5.37 -16.70
CA GLY C 4 27.14 -4.18 -15.95
C GLY C 4 25.70 -4.15 -15.48
N ALA C 5 25.44 -3.39 -14.42
CA ALA C 5 24.08 -3.22 -13.93
C ALA C 5 23.84 -1.85 -13.34
N VAL C 6 22.58 -1.42 -13.34
CA VAL C 6 22.15 -0.16 -12.74
C VAL C 6 21.39 -0.43 -11.44
N CYS C 7 21.77 0.27 -10.36
CA CYS C 7 21.06 0.18 -9.09
C CYS C 7 20.25 1.45 -8.86
N PRO C 8 18.93 1.38 -9.04
CA PRO C 8 18.11 2.58 -8.97
C PRO C 8 17.48 2.82 -7.60
N GLY C 9 17.15 4.07 -7.32
CA GLY C 9 16.43 4.38 -6.10
C GLY C 9 16.36 5.88 -5.88
N SER C 10 15.57 6.30 -4.91
CA SER C 10 15.54 7.72 -4.53
C SER C 10 16.70 8.01 -3.57
N PHE C 11 17.06 7.02 -2.75
CA PHE C 11 18.18 7.14 -1.81
C PHE C 11 18.15 8.46 -1.04
N ASP C 12 17.09 8.67 -0.27
CA ASP C 12 16.87 9.92 0.43
C ASP C 12 16.73 9.73 1.96
N PRO C 13 17.83 9.41 2.66
CA PRO C 13 19.18 9.19 2.16
C PRO C 13 19.49 7.72 1.93
N VAL C 14 20.62 7.46 1.28
CA VAL C 14 21.15 6.11 1.19
C VAL C 14 21.31 5.51 2.59
N THR C 15 20.92 4.25 2.75
CA THR C 15 21.09 3.51 3.99
C THR C 15 22.18 2.45 3.91
N LEU C 16 22.50 1.82 5.04
CA LEU C 16 23.43 0.68 5.02
C LEU C 16 22.85 -0.50 4.24
N GLY C 17 21.52 -0.60 4.19
CA GLY C 17 20.85 -1.60 3.37
C GLY C 17 21.13 -1.40 1.89
N HIS C 18 21.07 -0.15 1.45
CA HIS C 18 21.40 0.17 0.06
C HIS C 18 22.88 -0.09 -0.22
N LEU C 19 23.75 0.41 0.65
CA LEU C 19 25.19 0.25 0.45
C LEU C 19 25.58 -1.22 0.33
N ASP C 20 24.94 -2.07 1.13
CA ASP C 20 25.13 -3.51 1.05
C ASP C 20 24.80 -4.02 -0.36
N VAL C 21 23.69 -3.55 -0.92
CA VAL C 21 23.30 -3.97 -2.27
C VAL C 21 24.30 -3.46 -3.30
N PHE C 22 24.74 -2.21 -3.17
CA PHE C 22 25.76 -1.65 -4.06
C PHE C 22 27.03 -2.51 -4.08
N GLU C 23 27.52 -2.87 -2.89
CA GLU C 23 28.75 -3.66 -2.78
C GLU C 23 28.59 -5.03 -3.41
N ARG C 24 27.41 -5.61 -3.23
CA ARG C 24 27.13 -6.95 -3.77
C ARG C 24 27.00 -6.91 -5.27
N ALA C 25 26.37 -5.87 -5.80
CA ALA C 25 26.31 -5.66 -7.25
C ALA C 25 27.73 -5.45 -7.79
N ALA C 26 28.48 -4.57 -7.14
CA ALA C 26 29.84 -4.28 -7.56
C ALA C 26 30.75 -5.52 -7.58
N ALA C 27 30.45 -6.49 -6.73
CA ALA C 27 31.24 -7.71 -6.67
C ALA C 27 30.95 -8.71 -7.80
N GLN C 28 29.82 -8.54 -8.49
CA GLN C 28 29.40 -9.55 -9.47
C GLN C 28 29.30 -9.03 -10.90
N PHE C 29 29.39 -7.71 -11.07
CA PHE C 29 29.32 -7.07 -12.38
C PHE C 29 30.52 -6.15 -12.59
N ASP C 30 31.06 -6.08 -13.82
CA ASP C 30 32.24 -5.25 -14.08
C ASP C 30 31.98 -3.76 -13.83
N GLU C 31 30.74 -3.33 -14.07
CA GLU C 31 30.37 -1.93 -14.03
C GLU C 31 29.06 -1.78 -13.26
N VAL C 32 29.04 -0.93 -12.25
CA VAL C 32 27.78 -0.59 -11.59
C VAL C 32 27.52 0.91 -11.65
N ILE C 33 26.31 1.28 -12.08
CA ILE C 33 25.90 2.66 -12.01
C ILE C 33 24.75 2.83 -11.02
N VAL C 34 24.97 3.62 -9.98
CA VAL C 34 23.86 3.95 -9.10
C VAL C 34 23.09 5.10 -9.70
N ALA C 35 21.79 4.86 -9.90
CA ALA C 35 20.91 5.84 -10.50
C ALA C 35 20.05 6.52 -9.45
N VAL C 36 20.36 7.79 -9.16
CA VAL C 36 19.60 8.54 -8.19
C VAL C 36 18.44 9.23 -8.89
N LEU C 37 17.23 8.80 -8.58
CA LEU C 37 16.07 9.22 -9.37
C LEU C 37 15.42 10.48 -8.85
N ILE C 38 15.26 11.47 -9.73
CA ILE C 38 14.53 12.69 -9.41
C ILE C 38 13.05 12.49 -9.66
N ASN C 39 12.25 12.64 -8.61
CA ASN C 39 10.83 12.34 -8.66
C ASN C 39 9.94 13.57 -8.57
N ALA C 43 11.15 16.24 -3.62
CA ALA C 43 9.92 15.79 -2.99
C ALA C 43 10.20 15.26 -1.59
N GLY C 44 11.41 15.53 -1.10
CA GLY C 44 11.87 14.97 0.14
C GLY C 44 12.93 15.77 0.87
N MET C 45 13.84 15.08 1.56
CA MET C 45 14.75 15.73 2.49
C MET C 45 16.02 16.27 1.83
N PHE C 46 16.71 15.42 1.07
CA PHE C 46 17.98 15.80 0.47
C PHE C 46 17.83 16.15 -1.02
N THR C 47 18.63 17.10 -1.49
CA THR C 47 18.65 17.39 -2.92
C THR C 47 19.35 16.27 -3.68
N VAL C 48 19.10 16.19 -4.98
CA VAL C 48 19.76 15.21 -5.82
C VAL C 48 21.28 15.24 -5.65
N ASP C 49 21.85 16.44 -5.69
CA ASP C 49 23.29 16.59 -5.51
C ASP C 49 23.75 16.08 -4.16
N GLU C 50 22.95 16.33 -3.13
CA GLU C 50 23.30 15.89 -1.79
C GLU C 50 23.28 14.36 -1.72
N ARG C 51 22.27 13.75 -2.33
CA ARG C 51 22.14 12.30 -2.32
C ARG C 51 23.28 11.64 -3.08
N ILE C 52 23.57 12.18 -4.26
CA ILE C 52 24.72 11.73 -5.02
C ILE C 52 26.00 11.80 -4.19
N GLU C 53 26.20 12.92 -3.50
CA GLU C 53 27.39 13.12 -2.69
C GLU C 53 27.50 12.10 -1.56
N MET C 54 26.42 11.88 -0.83
CA MET C 54 26.41 10.91 0.25
C MET C 54 26.74 9.52 -0.25
N ILE C 55 26.23 9.18 -1.44
CA ILE C 55 26.52 7.86 -1.99
C ILE C 55 27.98 7.72 -2.42
N ARG C 56 28.49 8.71 -3.16
CA ARG C 56 29.89 8.71 -3.56
C ARG C 56 30.81 8.59 -2.35
N GLU C 57 30.52 9.36 -1.30
CA GLU C 57 31.30 9.30 -0.06
C GLU C 57 31.34 7.89 0.53
N SER C 58 30.19 7.21 0.50
CA SER C 58 30.05 5.89 1.12
C SER C 58 30.52 4.74 0.23
N THR C 59 30.81 5.03 -1.03
CA THR C 59 31.23 4.00 -1.98
C THR C 59 32.63 4.22 -2.55
N ALA C 60 33.49 4.93 -1.81
CA ALA C 60 34.84 5.23 -2.30
C ALA C 60 35.66 3.98 -2.53
N ASP C 61 35.35 2.92 -1.79
CA ASP C 61 36.11 1.68 -1.86
C ASP C 61 35.66 0.78 -3.03
N LEU C 62 34.69 1.25 -3.81
CA LEU C 62 34.18 0.47 -4.92
C LEU C 62 34.60 1.11 -6.24
N PRO C 63 35.74 0.66 -6.80
CA PRO C 63 36.36 1.31 -7.97
C PRO C 63 35.52 1.22 -9.24
N ASN C 64 34.66 0.21 -9.31
CA ASN C 64 33.86 0.00 -10.51
C ASN C 64 32.43 0.52 -10.39
N LEU C 65 32.20 1.41 -9.44
CA LEU C 65 30.89 2.01 -9.25
C LEU C 65 30.91 3.52 -9.47
N ARG C 66 29.92 4.03 -10.19
CA ARG C 66 29.72 5.47 -10.26
C ARG C 66 28.26 5.84 -10.00
N VAL C 67 28.04 7.12 -9.77
CA VAL C 67 26.75 7.63 -9.32
C VAL C 67 26.27 8.74 -10.25
N GLU C 68 25.07 8.60 -10.80
CA GLU C 68 24.52 9.64 -11.64
C GLU C 68 23.05 9.87 -11.32
N SER C 69 22.58 11.09 -11.57
CA SER C 69 21.16 11.38 -11.43
C SER C 69 20.43 10.91 -12.68
N GLY C 70 19.14 10.59 -12.52
CA GLY C 70 18.36 10.12 -13.64
C GLY C 70 16.94 10.64 -13.60
N GLN C 71 16.35 10.77 -14.78
CA GLN C 71 14.95 11.16 -14.91
C GLN C 71 14.30 10.34 -16.01
N GLY C 72 12.98 10.36 -16.06
CA GLY C 72 12.25 9.61 -17.08
C GLY C 72 12.27 8.11 -16.83
N LEU C 73 12.02 7.33 -17.88
CA LEU C 73 12.02 5.88 -17.80
C LEU C 73 13.37 5.32 -17.39
N LEU C 74 13.35 4.50 -16.35
CA LEU C 74 14.57 3.84 -15.93
C LEU C 74 15.20 3.03 -17.06
N VAL C 75 14.37 2.41 -17.91
CA VAL C 75 14.93 1.58 -18.96
C VAL C 75 15.72 2.42 -19.97
N ASP C 76 15.30 3.65 -20.21
CA ASP C 76 16.04 4.53 -21.10
C ASP C 76 17.40 4.87 -20.47
N PHE C 77 17.40 5.25 -19.20
CA PHE C 77 18.64 5.47 -18.46
C PHE C 77 19.59 4.29 -18.62
N VAL C 78 19.07 3.08 -18.46
CA VAL C 78 19.89 1.89 -18.50
C VAL C 78 20.45 1.65 -19.91
N ARG C 79 19.58 1.73 -20.91
CA ARG C 79 19.98 1.42 -22.28
C ARG C 79 20.87 2.52 -22.89
N GLU C 80 20.68 3.77 -22.48
CA GLU C 80 21.51 4.85 -23.02
C GLU C 80 22.95 4.74 -22.53
N ARG C 81 23.18 3.89 -21.53
CA ARG C 81 24.52 3.66 -21.04
C ARG C 81 25.06 2.31 -21.47
N GLY C 82 24.37 1.66 -22.39
CA GLY C 82 24.84 0.42 -23.00
C GLY C 82 24.57 -0.82 -22.18
N LEU C 83 23.75 -0.69 -21.14
CA LEU C 83 23.50 -1.83 -20.26
C LEU C 83 22.08 -2.33 -20.44
N ASN C 84 21.78 -3.50 -19.89
CA ASN C 84 20.39 -3.94 -19.89
C ASN C 84 20.05 -4.79 -18.67
N ALA C 85 20.64 -4.43 -17.54
CA ALA C 85 20.32 -5.10 -16.29
C ALA C 85 20.16 -4.08 -15.15
N ILE C 86 19.18 -4.36 -14.29
CA ILE C 86 18.90 -3.58 -13.08
C ILE C 86 19.16 -4.50 -11.90
N VAL C 87 19.75 -4.00 -10.83
CA VAL C 87 19.96 -4.75 -9.61
C VAL C 87 19.27 -3.98 -8.48
N LYS C 88 18.44 -4.67 -7.72
CA LYS C 88 17.63 -4.07 -6.68
C LYS C 88 17.50 -4.99 -5.47
N GLY C 89 17.49 -4.43 -4.28
CA GLY C 89 17.34 -5.22 -3.08
C GLY C 89 15.89 -5.42 -2.65
N LEU C 90 15.60 -6.55 -2.05
CA LEU C 90 14.24 -6.85 -1.58
C LEU C 90 14.26 -7.30 -0.13
N ARG C 91 13.21 -6.95 0.61
CA ARG C 91 13.10 -7.34 2.01
C ARG C 91 12.02 -8.40 2.24
N THR C 92 10.88 -8.24 1.57
CA THR C 92 9.74 -9.11 1.81
C THR C 92 9.17 -9.67 0.52
N GLY C 93 8.22 -10.59 0.66
CA GLY C 93 7.53 -11.15 -0.47
C GLY C 93 6.60 -10.15 -1.12
N THR C 94 6.15 -9.17 -0.34
CA THR C 94 5.31 -8.09 -0.86
C THR C 94 6.14 -7.16 -1.72
N ASP C 95 7.38 -6.92 -1.29
CA ASP C 95 8.36 -6.20 -2.10
C ASP C 95 8.50 -6.88 -3.46
N PHE C 96 8.63 -8.21 -3.45
CA PHE C 96 8.80 -8.93 -4.69
C PHE C 96 7.62 -8.77 -5.63
N GLU C 97 6.40 -8.84 -5.13
CA GLU C 97 5.21 -8.73 -5.96
C GLU C 97 5.10 -7.42 -6.70
N TYR C 98 5.38 -6.35 -5.99
CA TYR C 98 5.31 -5.03 -6.58
C TYR C 98 6.43 -4.85 -7.59
N GLU C 99 7.63 -5.22 -7.21
CA GLU C 99 8.78 -5.11 -8.10
C GLU C 99 8.69 -6.05 -9.28
N LEU C 100 8.06 -7.21 -9.11
CA LEU C 100 7.91 -8.14 -10.21
C LEU C 100 7.11 -7.50 -11.35
N GLN C 101 6.09 -6.74 -10.99
CA GLN C 101 5.26 -6.08 -11.99
C GLN C 101 6.11 -5.12 -12.82
N MET C 102 6.91 -4.32 -12.14
CA MET C 102 7.75 -3.36 -12.84
C MET C 102 8.85 -4.05 -13.62
N ALA C 103 9.38 -5.15 -13.08
CA ALA C 103 10.44 -5.89 -13.76
C ALA C 103 9.93 -6.51 -15.08
N GLN C 104 8.76 -7.13 -15.03
CA GLN C 104 8.19 -7.69 -16.24
C GLN C 104 7.81 -6.59 -17.25
N MET C 105 7.34 -5.45 -16.76
CA MET C 105 7.04 -4.35 -17.67
C MET C 105 8.31 -3.85 -18.34
N ASN C 106 9.37 -3.67 -17.53
CA ASN C 106 10.62 -3.17 -18.06
C ASN C 106 11.25 -4.12 -19.07
N LYS C 107 11.09 -5.41 -18.86
CA LYS C 107 11.61 -6.39 -19.79
C LYS C 107 10.79 -6.32 -21.08
N HIS C 108 9.49 -6.19 -20.92
CA HIS C 108 8.59 -6.13 -22.07
C HIS C 108 8.90 -4.95 -22.99
N ILE C 109 9.06 -3.77 -22.41
CA ILE C 109 9.15 -2.59 -23.26
C ILE C 109 10.55 -2.31 -23.81
N ALA C 110 11.58 -2.84 -23.17
CA ALA C 110 12.95 -2.45 -23.52
C ALA C 110 13.98 -3.58 -23.41
N GLY C 111 13.53 -4.76 -22.99
CA GLY C 111 14.41 -5.90 -22.94
C GLY C 111 15.42 -5.84 -21.80
N VAL C 112 15.18 -4.91 -20.88
CA VAL C 112 16.06 -4.74 -19.72
C VAL C 112 15.64 -5.72 -18.64
N ASP C 113 16.59 -6.47 -18.12
CA ASP C 113 16.30 -7.48 -17.12
C ASP C 113 16.50 -6.91 -15.71
N THR C 114 15.96 -7.61 -14.72
CA THR C 114 16.11 -7.18 -13.33
C THR C 114 16.57 -8.33 -12.44
N PHE C 115 17.64 -8.09 -11.68
CA PHE C 115 18.12 -9.06 -10.72
C PHE C 115 17.88 -8.54 -9.32
N PHE C 116 17.22 -9.36 -8.52
CA PHE C 116 16.93 -8.98 -7.13
C PHE C 116 17.86 -9.69 -6.17
N VAL C 117 18.28 -8.99 -5.10
CA VAL C 117 19.00 -9.65 -4.03
C VAL C 117 18.25 -9.50 -2.71
N ALA C 118 18.33 -10.52 -1.87
CA ALA C 118 17.74 -10.44 -0.54
C ALA C 118 18.55 -9.50 0.33
N THR C 119 17.83 -8.66 1.06
CA THR C 119 18.43 -7.79 2.06
C THR C 119 19.35 -8.57 3.02
N ALA C 120 20.41 -7.93 3.52
CA ALA C 120 21.13 -8.52 4.65
C ALA C 120 20.15 -8.58 5.81
N PRO C 121 20.21 -9.66 6.63
CA PRO C 121 19.29 -9.81 7.74
C PRO C 121 19.26 -8.59 8.69
N ALA C 122 20.43 -8.01 8.97
CA ALA C 122 20.52 -6.90 9.92
C ALA C 122 19.72 -5.68 9.49
N TYR C 123 19.45 -5.57 8.19
CA TYR C 123 18.80 -4.37 7.65
C TYR C 123 17.35 -4.62 7.22
N SER C 124 16.78 -5.71 7.70
CA SER C 124 15.39 -6.05 7.38
C SER C 124 14.40 -4.92 7.63
N PHE C 125 14.63 -4.13 8.69
CA PHE C 125 13.68 -3.13 9.13
C PHE C 125 14.09 -1.71 8.73
N VAL C 126 15.18 -1.57 7.99
CA VAL C 126 15.65 -0.23 7.68
C VAL C 126 15.12 0.23 6.33
N SER C 127 14.56 1.44 6.32
CA SER C 127 14.16 2.14 5.11
C SER C 127 14.51 3.60 5.30
N SER C 128 14.72 4.32 4.20
CA SER C 128 14.99 5.75 4.28
C SER C 128 13.89 6.48 5.02
N SER C 129 12.67 6.12 4.67
CA SER C 129 11.49 6.72 5.25
C SER C 129 11.41 6.52 6.76
N LEU C 130 11.59 5.29 7.22
CA LEU C 130 11.45 5.03 8.64
C LEU C 130 12.62 5.65 9.41
N ALA C 131 13.82 5.65 8.84
CA ALA C 131 14.98 6.23 9.52
C ALA C 131 14.79 7.73 9.70
N LYS C 132 14.27 8.40 8.68
CA LYS C 132 14.02 9.83 8.79
C LYS C 132 12.96 10.12 9.83
N GLU C 133 11.88 9.35 9.80
CA GLU C 133 10.79 9.49 10.76
C GLU C 133 11.26 9.35 12.19
N VAL C 134 11.98 8.25 12.47
CA VAL C 134 12.50 8.02 13.81
C VAL C 134 13.48 9.12 14.25
N ALA C 135 14.41 9.50 13.38
CA ALA C 135 15.41 10.50 13.75
C ALA C 135 14.76 11.85 14.04
N THR C 136 13.67 12.13 13.32
CA THR C 136 12.93 13.39 13.48
C THR C 136 12.38 13.53 14.90
N TYR C 137 12.08 12.40 15.55
CA TYR C 137 11.58 12.40 16.93
C TYR C 137 12.64 12.03 17.96
N GLY C 138 13.90 12.10 17.56
CA GLY C 138 14.99 11.90 18.49
C GLY C 138 15.46 10.47 18.66
N GLY C 139 14.96 9.55 17.83
CA GLY C 139 15.43 8.18 17.89
C GLY C 139 16.83 8.07 17.28
N ASP C 140 17.64 7.20 17.85
CA ASP C 140 19.02 6.98 17.39
C ASP C 140 19.08 5.99 16.22
N VAL C 141 19.40 6.49 15.03
CA VAL C 141 19.48 5.62 13.85
C VAL C 141 20.92 5.51 13.32
N SER C 142 21.89 5.81 14.18
CA SER C 142 23.29 5.88 13.75
C SER C 142 23.83 4.54 13.26
N ALA C 143 23.25 3.44 13.72
CA ALA C 143 23.72 2.13 13.31
C ALA C 143 23.06 1.67 12.01
N LEU C 144 22.20 2.50 11.43
CA LEU C 144 21.45 2.09 10.23
C LEU C 144 21.88 2.83 8.99
N LEU C 145 22.78 3.80 9.16
CA LEU C 145 23.18 4.72 8.12
C LEU C 145 24.70 4.83 8.07
N PRO C 146 25.26 5.05 6.87
CA PRO C 146 26.70 5.29 6.75
C PRO C 146 27.12 6.46 7.63
N ALA C 147 28.34 6.45 8.14
CA ALA C 147 28.79 7.46 9.10
C ALA C 147 28.56 8.87 8.59
N SER C 148 28.90 9.10 7.33
CA SER C 148 28.76 10.41 6.71
C SER C 148 27.31 10.87 6.66
N VAL C 149 26.45 10.01 6.11
CA VAL C 149 25.02 10.28 6.03
C VAL C 149 24.42 10.71 7.37
N HIS C 150 24.77 9.98 8.44
CA HIS C 150 24.20 10.26 9.76
C HIS C 150 24.47 11.69 10.22
N GLN C 151 25.70 12.17 10.09
CA GLN C 151 25.98 13.54 10.47
C GLN C 151 25.14 14.51 9.64
N ARG C 152 25.04 14.25 8.34
CA ARG C 152 24.32 15.15 7.44
C ARG C 152 22.83 15.20 7.76
N LEU C 153 22.30 14.07 8.22
CA LEU C 153 20.88 13.98 8.59
C LEU C 153 20.58 14.82 9.84
N LEU C 154 21.43 14.68 10.85
CA LEU C 154 21.35 15.53 12.04
C LEU C 154 21.29 17.01 11.61
N GLY C 155 22.19 17.39 10.74
CA GLY C 155 22.23 18.73 10.24
C GLY C 155 20.94 19.19 9.63
N LYS C 156 20.24 18.34 8.90
CA LYS C 156 19.01 18.76 8.28
C LYS C 156 17.95 19.00 9.31
N LEU C 157 17.96 18.20 10.36
CA LEU C 157 16.93 18.30 11.36
C LEU C 157 17.06 19.51 12.23
N ARG C 158 18.26 20.01 12.35
CA ARG C 158 18.54 21.20 13.15
C ARG C 158 18.14 22.46 12.40
#